data_4XV0
#
_entry.id   4XV0
#
_cell.length_a   41.708
_cell.length_b   47.490
_cell.length_c   136.403
_cell.angle_alpha   90.00
_cell.angle_beta   90.00
_cell.angle_gamma   90.00
#
_symmetry.space_group_name_H-M   'P 21 21 21'
#
loop_
_entity.id
_entity.type
_entity.pdbx_description
1 polymer Beta-xylanase
2 non-polymer 'SULFATE ION'
3 non-polymer 'CHLORIDE ION'
4 non-polymer GLYCEROL
5 water water
#
_entity_poly.entity_id   1
_entity_poly.type   'polypeptide(L)'
_entity_poly.pdbx_seq_one_letter_code
;(PCA)ASQSIDQLIKRKGKLYFGTATDRGLLQREKNAAIIQADLGQVTPENSMKWQSLENNQGQLNWGDADYLVNFAQQN
GKSIRGHTLIWHSQLPAWVNNINNADTLRQVIRTHVSTVVGRYKGKIRAWDVVNEIFNEDGTLRSSVFSRLLGEEFVSIA
FRAARDADPSARLYINDYNLDRANYGKVNGLKTYVSKWISQGVPIDGIGSQSHLSGGGGSGTLGALQQLATVPVTELAIT
ELDIQGAPTTDYTQVVQACLSVSKCVGITVWGISDKDSWRASTNPLLFDANFNPKPAYNSIVGILQ
;
_entity_poly.pdbx_strand_id   A
#
# COMPACT_ATOMS: atom_id res chain seq x y z
N ALA A 2 -11.36 -11.83 -16.43
CA ALA A 2 -12.52 -11.00 -16.73
C ALA A 2 -12.73 -10.62 -18.19
N SER A 3 -11.84 -11.11 -19.08
CA SER A 3 -11.85 -10.73 -20.49
C SER A 3 -11.71 -9.21 -20.66
N GLN A 4 -10.55 -8.83 -21.20
CA GLN A 4 -10.03 -7.46 -21.14
C GLN A 4 -9.37 -7.23 -19.79
N SER A 5 -8.05 -7.11 -19.85
CA SER A 5 -7.21 -6.98 -18.69
C SER A 5 -7.02 -5.51 -18.35
N ILE A 6 -7.42 -5.08 -17.17
CA ILE A 6 -7.26 -3.68 -16.80
C ILE A 6 -5.80 -3.28 -16.63
N ASP A 7 -4.95 -4.24 -16.26
CA ASP A 7 -3.54 -3.96 -16.16
C ASP A 7 -2.92 -3.73 -17.54
N GLN A 8 -3.32 -4.54 -18.51
CA GLN A 8 -2.82 -4.36 -19.86
C GLN A 8 -3.26 -3.01 -20.41
N LEU A 9 -4.54 -2.71 -20.22
CA LEU A 9 -5.10 -1.44 -20.68
C LEU A 9 -4.46 -0.23 -19.99
N ILE A 10 -4.22 -0.32 -18.69
CA ILE A 10 -3.67 0.84 -17.99
C ILE A 10 -2.18 1.06 -18.31
N LYS A 11 -1.47 -0.03 -18.58
CA LYS A 11 -0.09 0.07 -19.06
C LYS A 11 -0.03 0.85 -20.38
N ARG A 12 -1.01 0.63 -21.25
CA ARG A 12 -1.03 1.32 -22.55
C ARG A 12 -1.26 2.81 -22.38
N LYS A 13 -1.84 3.21 -21.25
CA LYS A 13 -2.04 4.61 -20.93
C LYS A 13 -0.78 5.23 -20.33
N GLY A 14 0.20 4.39 -20.02
CA GLY A 14 1.46 4.86 -19.50
C GLY A 14 1.66 4.63 -18.01
N LYS A 15 0.71 3.94 -17.38
CA LYS A 15 0.83 3.62 -15.96
C LYS A 15 1.61 2.32 -15.79
N LEU A 16 2.07 2.03 -14.57
CA LEU A 16 2.89 0.84 -14.33
C LEU A 16 2.08 -0.43 -14.11
N TYR A 17 0.98 -0.32 -13.38
CA TYR A 17 0.24 -1.53 -13.03
C TYR A 17 -1.19 -1.24 -12.59
N PHE A 18 -2.04 -2.26 -12.70
CA PHE A 18 -3.26 -2.38 -11.90
C PHE A 18 -3.09 -3.69 -11.14
N GLY A 19 -3.17 -3.65 -9.80
CA GLY A 19 -2.83 -4.83 -9.01
C GLY A 19 -3.81 -5.14 -7.88
N THR A 20 -3.46 -6.11 -7.04
CA THR A 20 -4.32 -6.47 -5.90
C THR A 20 -3.54 -6.93 -4.68
N ALA A 21 -4.18 -6.82 -3.52
CA ALA A 21 -3.71 -7.53 -2.34
C ALA A 21 -4.01 -9.02 -2.56
N THR A 22 -3.10 -9.87 -2.09
CA THR A 22 -3.34 -11.31 -2.11
C THR A 22 -2.38 -11.98 -1.12
N ASP A 23 -2.44 -13.31 -1.01
CA ASP A 23 -1.53 -14.09 -0.17
C ASP A 23 -1.75 -15.57 -0.50
N ARG A 24 -1.00 -16.45 0.15
CA ARG A 24 -0.98 -17.87 -0.22
C ARG A 24 -2.34 -18.57 -0.23
N GLY A 25 -3.15 -18.36 0.80
CA GLY A 25 -4.46 -19.00 0.85
C GLY A 25 -5.27 -18.64 -0.38
N LEU A 26 -5.35 -17.34 -0.67
CA LEU A 26 -6.06 -16.88 -1.86
C LEU A 26 -5.48 -17.47 -3.13
N LEU A 27 -4.16 -17.40 -3.29
CA LEU A 27 -3.50 -17.90 -4.48
C LEU A 27 -3.80 -19.37 -4.73
N GLN A 28 -4.01 -20.14 -3.67
CA GLN A 28 -4.22 -21.57 -3.81
C GLN A 28 -5.68 -22.03 -3.88
N ARG A 29 -6.61 -21.10 -4.04
CA ARG A 29 -8.02 -21.51 -4.13
C ARG A 29 -8.78 -20.69 -5.16
N GLU A 30 -9.79 -21.33 -5.74
CA GLU A 30 -10.75 -20.64 -6.59
C GLU A 30 -10.00 -19.91 -7.73
N LYS A 31 -10.42 -18.70 -8.06
CA LYS A 31 -9.91 -18.09 -9.30
C LYS A 31 -8.90 -16.97 -9.09
N ASN A 32 -8.41 -16.84 -7.87
CA ASN A 32 -7.54 -15.70 -7.55
C ASN A 32 -6.26 -15.62 -8.41
N ALA A 33 -5.55 -16.73 -8.53
CA ALA A 33 -4.31 -16.75 -9.29
C ALA A 33 -4.58 -16.46 -10.76
N ALA A 34 -5.59 -17.11 -11.31
CA ALA A 34 -5.93 -16.99 -12.73
C ALA A 34 -6.29 -15.56 -13.10
N ILE A 35 -7.04 -14.90 -12.21
CA ILE A 35 -7.37 -13.49 -12.41
C ILE A 35 -6.14 -12.58 -12.36
N ILE A 36 -5.27 -12.79 -11.37
CA ILE A 36 -4.03 -12.03 -11.29
C ILE A 36 -3.18 -12.24 -12.56
N GLN A 37 -3.12 -13.47 -13.03
CA GLN A 37 -2.35 -13.77 -14.23
C GLN A 37 -2.91 -13.06 -15.45
N ALA A 38 -4.23 -13.08 -15.59
CA ALA A 38 -4.87 -12.56 -16.79
C ALA A 38 -5.11 -11.06 -16.76
N ASP A 39 -5.45 -10.52 -15.60
CA ASP A 39 -6.02 -9.17 -15.53
C ASP A 39 -5.18 -8.14 -14.79
N LEU A 40 -4.23 -8.59 -13.98
CA LEU A 40 -3.48 -7.69 -13.08
C LEU A 40 -1.97 -7.76 -13.32
N GLY A 41 -1.22 -6.83 -12.73
CA GLY A 41 0.21 -6.78 -12.99
C GLY A 41 1.07 -6.62 -11.75
N GLN A 42 0.42 -6.64 -10.59
CA GLN A 42 1.10 -6.30 -9.34
C GLN A 42 0.36 -6.93 -8.17
N VAL A 43 1.11 -7.31 -7.13
CA VAL A 43 0.54 -7.87 -5.92
C VAL A 43 1.13 -7.24 -4.67
N THR A 44 0.30 -7.13 -3.64
CA THR A 44 0.72 -6.70 -2.33
C THR A 44 0.32 -7.81 -1.35
N PRO A 45 1.25 -8.25 -0.49
CA PRO A 45 0.84 -9.26 0.50
C PRO A 45 -0.19 -8.64 1.44
N GLU A 46 -1.37 -9.26 1.51
CA GLU A 46 -2.43 -8.72 2.34
C GLU A 46 -2.06 -8.73 3.83
N ASN A 47 -1.31 -9.75 4.25
CA ASN A 47 -0.91 -9.87 5.66
C ASN A 47 0.47 -10.48 5.90
N SER A 48 0.98 -11.23 4.93
CA SER A 48 2.15 -12.09 5.17
C SER A 48 3.47 -11.37 5.49
N MET A 49 3.55 -10.07 5.22
CA MET A 49 4.77 -9.31 5.52
C MET A 49 4.60 -8.31 6.65
N LYS A 50 3.45 -8.35 7.32
CA LYS A 50 3.27 -7.51 8.49
C LYS A 50 4.08 -8.10 9.65
N TRP A 51 4.49 -7.23 10.55
CA TRP A 51 5.45 -7.64 11.57
C TRP A 51 4.90 -8.76 12.47
N GLN A 52 3.61 -8.70 12.79
CA GLN A 52 3.01 -9.75 13.61
C GLN A 52 3.01 -11.09 12.89
N SER A 53 2.80 -11.07 11.57
CA SER A 53 2.90 -12.28 10.77
C SER A 53 4.32 -12.83 10.76
N LEU A 54 5.30 -11.94 10.61
CA LEU A 54 6.70 -12.35 10.46
C LEU A 54 7.38 -12.77 11.75
N GLU A 55 7.01 -12.14 12.86
CA GLU A 55 7.80 -12.29 14.09
C GLU A 55 6.96 -12.08 15.35
N ASN A 56 5.86 -12.82 15.46
CA ASN A 56 4.98 -12.69 16.62
C ASN A 56 5.74 -12.96 17.91
N ASN A 57 6.61 -13.97 17.86
CA ASN A 57 7.48 -14.28 18.98
C ASN A 57 8.88 -13.81 18.63
N GLN A 58 9.47 -13.01 19.51
CA GLN A 58 10.75 -12.36 19.21
C GLN A 58 11.82 -13.36 18.82
N GLY A 59 12.49 -13.11 17.71
CA GLY A 59 13.57 -13.96 17.25
C GLY A 59 13.12 -15.20 16.48
N GLN A 60 11.82 -15.43 16.43
CA GLN A 60 11.28 -16.59 15.70
C GLN A 60 10.63 -16.10 14.42
N LEU A 61 11.41 -16.06 13.34
CA LEU A 61 10.91 -15.48 12.08
C LEU A 61 10.01 -16.47 11.34
N ASN A 62 9.04 -15.93 10.63
CA ASN A 62 8.06 -16.75 9.91
C ASN A 62 7.94 -16.25 8.47
N TRP A 63 8.90 -16.65 7.65
CA TRP A 63 9.05 -16.12 6.30
C TRP A 63 8.17 -16.80 5.25
N GLY A 64 7.69 -18.01 5.54
CA GLY A 64 7.14 -18.90 4.52
C GLY A 64 6.12 -18.27 3.57
N ASP A 65 5.04 -17.75 4.12
CA ASP A 65 3.98 -17.19 3.30
C ASP A 65 4.46 -15.98 2.49
N ALA A 66 5.31 -15.17 3.11
CA ALA A 66 5.91 -14.04 2.42
C ALA A 66 6.78 -14.50 1.25
N ASP A 67 7.62 -15.50 1.50
CA ASP A 67 8.47 -16.07 0.45
C ASP A 67 7.62 -16.60 -0.71
N TYR A 68 6.53 -17.28 -0.37
CA TYR A 68 5.65 -17.88 -1.36
C TYR A 68 5.07 -16.82 -2.29
N LEU A 69 4.60 -15.71 -1.72
CA LEU A 69 4.03 -14.64 -2.53
C LEU A 69 5.06 -14.04 -3.49
N VAL A 70 6.26 -13.80 -2.97
CA VAL A 70 7.34 -13.26 -3.78
C VAL A 70 7.65 -14.20 -4.94
N ASN A 71 7.73 -15.49 -4.64
CA ASN A 71 7.93 -16.47 -5.70
C ASN A 71 6.83 -16.43 -6.75
N PHE A 72 5.58 -16.36 -6.31
CA PHE A 72 4.45 -16.30 -7.24
C PHE A 72 4.57 -15.10 -8.16
N ALA A 73 4.86 -13.95 -7.58
CA ALA A 73 4.99 -12.72 -8.36
C ALA A 73 6.13 -12.81 -9.39
N GLN A 74 7.27 -13.35 -8.96
CA GLN A 74 8.43 -13.46 -9.85
C GLN A 74 8.16 -14.41 -11.01
N GLN A 75 7.51 -15.53 -10.70
CA GLN A 75 7.27 -16.55 -11.70
C GLN A 75 6.22 -16.09 -12.72
N ASN A 76 5.36 -15.17 -12.31
CA ASN A 76 4.29 -14.70 -13.18
C ASN A 76 4.49 -13.27 -13.69
N GLY A 77 5.66 -12.70 -13.41
CA GLY A 77 6.01 -11.38 -13.89
C GLY A 77 5.15 -10.27 -13.33
N LYS A 78 4.77 -10.38 -12.06
CA LYS A 78 4.06 -9.31 -11.38
C LYS A 78 5.03 -8.57 -10.48
N SER A 79 4.92 -7.24 -10.39
CA SER A 79 5.73 -6.49 -9.45
C SER A 79 5.11 -6.61 -8.08
N ILE A 80 5.85 -6.22 -7.06
CA ILE A 80 5.44 -6.41 -5.68
C ILE A 80 5.52 -5.08 -4.93
N ARG A 81 4.54 -4.83 -4.06
CA ARG A 81 4.69 -3.78 -3.07
C ARG A 81 4.82 -4.44 -1.71
N GLY A 82 5.99 -4.33 -1.08
CA GLY A 82 6.16 -4.85 0.26
C GLY A 82 5.28 -4.08 1.24
N HIS A 83 4.64 -4.79 2.16
CA HIS A 83 3.65 -4.19 3.05
C HIS A 83 3.60 -4.97 4.36
N THR A 84 3.97 -4.38 5.50
CA THR A 84 4.48 -3.02 5.64
C THR A 84 5.42 -3.10 6.85
N LEU A 85 6.47 -2.31 6.84
CA LEU A 85 7.55 -2.50 7.83
C LEU A 85 7.19 -1.99 9.22
N ILE A 86 6.76 -0.73 9.30
CA ILE A 86 6.48 -0.10 10.58
C ILE A 86 5.02 0.33 10.62
N TRP A 87 4.25 -0.26 11.53
CA TRP A 87 2.81 0.00 11.62
C TRP A 87 2.35 -0.30 13.02
N HIS A 88 1.52 0.58 13.58
CA HIS A 88 1.07 0.41 14.95
C HIS A 88 0.17 -0.81 15.11
N SER A 89 -0.48 -1.21 14.02
N SER A 89 -0.49 -1.20 14.03
CA SER A 89 -1.41 -2.33 14.05
CA SER A 89 -1.41 -2.34 14.07
C SER A 89 -0.71 -3.60 13.59
C SER A 89 -0.72 -3.60 13.58
N GLN A 90 -1.28 -4.76 13.93
CA GLN A 90 -0.68 -6.05 13.61
C GLN A 90 0.80 -6.07 13.92
N LEU A 91 1.09 -5.77 15.19
CA LEU A 91 2.44 -5.55 15.68
C LEU A 91 2.68 -6.54 16.81
N PRO A 92 3.86 -7.18 16.83
CA PRO A 92 4.14 -8.13 17.90
C PRO A 92 4.08 -7.45 19.28
N ALA A 93 3.54 -8.15 20.25
CA ALA A 93 3.45 -7.64 21.62
C ALA A 93 4.82 -7.21 22.15
N TRP A 94 5.86 -7.97 21.80
CA TRP A 94 7.18 -7.69 22.34
C TRP A 94 7.71 -6.33 21.86
N VAL A 95 7.34 -5.94 20.64
CA VAL A 95 7.68 -4.61 20.16
C VAL A 95 6.85 -3.56 20.90
N ASN A 96 5.54 -3.80 21.02
CA ASN A 96 4.67 -2.86 21.73
C ASN A 96 5.14 -2.62 23.16
N ASN A 97 5.71 -3.65 23.78
CA ASN A 97 6.12 -3.59 25.19
C ASN A 97 7.46 -2.90 25.45
N ILE A 98 8.15 -2.49 24.39
CA ILE A 98 9.43 -1.81 24.54
C ILE A 98 9.20 -0.46 25.21
N ASN A 99 10.04 -0.12 26.18
CA ASN A 99 9.87 1.11 26.95
C ASN A 99 10.96 2.14 26.72
N ASN A 100 12.08 1.70 26.13
N ASN A 100 12.08 1.72 26.14
CA ASN A 100 13.25 2.56 25.95
CA ASN A 100 13.21 2.62 25.97
C ASN A 100 13.40 2.98 24.49
C ASN A 100 13.46 2.98 24.52
N ALA A 101 13.65 4.28 24.27
CA ALA A 101 13.79 4.81 22.92
C ALA A 101 14.95 4.19 22.17
N ASP A 102 16.13 4.10 22.79
CA ASP A 102 17.24 3.52 22.05
C ASP A 102 17.03 2.05 21.75
N THR A 103 16.41 1.32 22.67
CA THR A 103 16.04 -0.06 22.39
C THR A 103 15.22 -0.11 21.09
N LEU A 104 14.20 0.74 21.02
CA LEU A 104 13.31 0.72 19.87
C LEU A 104 14.04 1.14 18.60
N ARG A 105 14.90 2.13 18.75
CA ARG A 105 15.70 2.64 17.64
C ARG A 105 16.42 1.46 16.99
N GLN A 106 17.07 0.65 17.81
CA GLN A 106 17.85 -0.44 17.25
C GLN A 106 16.96 -1.61 16.78
N VAL A 107 15.82 -1.82 17.43
CA VAL A 107 14.86 -2.83 16.97
C VAL A 107 14.29 -2.49 15.59
N ILE A 108 13.95 -1.23 15.36
CA ILE A 108 13.46 -0.79 14.05
C ILE A 108 14.50 -1.05 12.97
N ARG A 109 15.74 -0.65 13.23
CA ARG A 109 16.82 -0.83 12.26
C ARG A 109 16.99 -2.29 11.91
N THR A 110 17.02 -3.14 12.93
CA THR A 110 17.21 -4.57 12.74
C THR A 110 16.08 -5.18 11.91
N HIS A 111 14.86 -4.82 12.26
CA HIS A 111 13.69 -5.37 11.59
C HIS A 111 13.65 -4.89 10.14
N VAL A 112 13.79 -3.59 9.93
CA VAL A 112 13.74 -3.03 8.59
C VAL A 112 14.86 -3.59 7.71
N SER A 113 16.06 -3.64 8.25
CA SER A 113 17.22 -4.12 7.52
C SER A 113 17.03 -5.57 7.07
N THR A 114 16.57 -6.39 8.01
CA THR A 114 16.41 -7.81 7.80
C THR A 114 15.32 -8.12 6.79
N VAL A 115 14.17 -7.48 6.93
CA VAL A 115 13.04 -7.77 6.05
C VAL A 115 13.29 -7.27 4.62
N VAL A 116 13.74 -6.02 4.48
CA VAL A 116 14.03 -5.46 3.16
C VAL A 116 15.20 -6.23 2.54
N GLY A 117 16.21 -6.52 3.36
CA GLY A 117 17.39 -7.21 2.89
C GLY A 117 17.08 -8.57 2.29
N ARG A 118 16.15 -9.30 2.92
CA ARG A 118 15.79 -10.63 2.44
C ARG A 118 15.33 -10.62 0.99
N TYR A 119 14.55 -9.61 0.60
CA TYR A 119 14.02 -9.56 -0.75
C TYR A 119 14.68 -8.48 -1.61
N LYS A 120 15.91 -8.13 -1.28
CA LYS A 120 16.62 -7.07 -2.00
C LYS A 120 16.62 -7.33 -3.50
N GLY A 121 16.25 -6.32 -4.29
CA GLY A 121 16.19 -6.45 -5.72
C GLY A 121 14.94 -7.14 -6.28
N LYS A 122 14.08 -7.67 -5.41
CA LYS A 122 12.89 -8.40 -5.87
C LYS A 122 11.60 -7.61 -5.68
N ILE A 123 11.58 -6.72 -4.71
CA ILE A 123 10.41 -5.92 -4.41
C ILE A 123 10.59 -4.47 -4.90
N ARG A 124 9.71 -4.04 -5.81
CA ARG A 124 9.87 -2.73 -6.44
C ARG A 124 9.74 -1.59 -5.44
N ALA A 125 8.78 -1.72 -4.53
CA ALA A 125 8.47 -0.62 -3.60
C ALA A 125 8.05 -1.17 -2.25
N TRP A 126 8.37 -0.43 -1.17
CA TRP A 126 7.98 -0.81 0.19
C TRP A 126 7.13 0.24 0.87
N ASP A 127 6.04 -0.18 1.52
CA ASP A 127 5.39 0.68 2.51
C ASP A 127 6.24 0.61 3.77
N VAL A 128 7.13 1.58 3.91
CA VAL A 128 8.08 1.57 5.01
C VAL A 128 7.38 1.91 6.32
N VAL A 129 6.59 3.00 6.31
CA VAL A 129 5.73 3.31 7.46
C VAL A 129 4.27 3.41 7.00
N ASN A 130 3.37 2.99 7.87
CA ASN A 130 1.95 2.92 7.53
C ASN A 130 1.11 3.62 8.60
N GLU A 131 0.18 4.47 8.15
CA GLU A 131 -0.83 5.06 9.02
C GLU A 131 -0.26 5.78 10.25
N ILE A 132 0.76 6.61 10.04
CA ILE A 132 1.40 7.29 11.17
C ILE A 132 0.73 8.62 11.55
N PHE A 133 -0.29 9.03 10.80
CA PHE A 133 -0.94 10.31 11.10
C PHE A 133 -2.34 10.22 11.73
N ASN A 134 -2.61 11.16 12.63
CA ASN A 134 -3.96 11.41 13.09
C ASN A 134 -4.75 12.08 11.98
N GLU A 135 -6.07 12.17 12.16
CA GLU A 135 -6.93 12.76 11.15
C GLU A 135 -6.68 14.25 10.97
N ASP A 136 -6.08 14.89 11.98
CA ASP A 136 -5.78 16.31 11.90
C ASP A 136 -4.34 16.60 11.41
N GLY A 137 -3.60 15.56 11.07
CA GLY A 137 -2.27 15.74 10.53
C GLY A 137 -1.14 15.72 11.56
N THR A 138 -1.48 15.53 12.83
CA THR A 138 -0.45 15.31 13.85
C THR A 138 -0.05 13.84 13.83
N LEU A 139 1.05 13.50 14.48
CA LEU A 139 1.53 12.12 14.54
C LEU A 139 0.66 11.25 15.45
N ARG A 140 0.18 10.14 14.90
CA ARG A 140 -0.62 9.17 15.65
C ARG A 140 0.12 8.65 16.89
N SER A 141 -0.60 8.49 18.01
CA SER A 141 -0.01 7.89 19.19
C SER A 141 0.16 6.37 19.04
N SER A 142 1.40 5.90 19.16
CA SER A 142 1.73 4.48 19.13
C SER A 142 3.06 4.31 19.84
N VAL A 143 3.53 3.07 20.00
CA VAL A 143 4.84 2.86 20.61
C VAL A 143 5.93 3.64 19.85
N PHE A 144 5.80 3.73 18.52
CA PHE A 144 6.81 4.38 17.70
C PHE A 144 6.92 5.87 17.97
N SER A 145 5.79 6.58 17.92
CA SER A 145 5.78 8.02 18.15
C SER A 145 6.01 8.33 19.62
N ARG A 146 5.51 7.47 20.49
CA ARG A 146 5.60 7.72 21.92
C ARG A 146 7.06 7.75 22.35
N LEU A 147 7.82 6.73 21.94
CA LEU A 147 9.21 6.61 22.34
C LEU A 147 10.16 7.49 21.53
N LEU A 148 9.90 7.62 20.24
CA LEU A 148 10.87 8.27 19.34
C LEU A 148 10.40 9.56 18.69
N GLY A 149 9.13 9.93 18.87
CA GLY A 149 8.62 11.12 18.22
C GLY A 149 8.68 10.93 16.73
N GLU A 150 8.99 11.98 15.99
CA GLU A 150 9.03 11.84 14.53
C GLU A 150 10.26 11.06 14.06
N GLU A 151 11.22 10.87 14.96
CA GLU A 151 12.51 10.27 14.63
C GLU A 151 12.40 8.85 14.07
N PHE A 152 11.37 8.11 14.47
CA PHE A 152 11.25 6.72 13.99
C PHE A 152 11.12 6.64 12.47
N VAL A 153 10.56 7.69 11.86
CA VAL A 153 10.39 7.74 10.41
C VAL A 153 11.75 7.82 9.70
N SER A 154 12.59 8.74 10.15
CA SER A 154 13.94 8.86 9.61
C SER A 154 14.70 7.55 9.78
N ILE A 155 14.61 6.97 10.98
CA ILE A 155 15.31 5.72 11.25
C ILE A 155 14.88 4.61 10.30
N ALA A 156 13.57 4.44 10.16
CA ALA A 156 13.01 3.39 9.31
C ALA A 156 13.36 3.57 7.84
N PHE A 157 13.21 4.78 7.33
CA PHE A 157 13.46 5.02 5.90
C PHE A 157 14.94 4.88 5.56
N ARG A 158 15.80 5.38 6.41
CA ARG A 158 17.23 5.28 6.15
C ARG A 158 17.72 3.83 6.20
N ALA A 159 17.19 3.05 7.14
CA ALA A 159 17.53 1.64 7.22
C ALA A 159 17.03 0.87 5.99
N ALA A 160 15.81 1.19 5.54
CA ALA A 160 15.26 0.57 4.33
C ALA A 160 16.12 0.88 3.11
N ARG A 161 16.52 2.15 2.98
CA ARG A 161 17.30 2.56 1.82
C ARG A 161 18.59 1.76 1.71
N ASP A 162 19.32 1.64 2.81
CA ASP A 162 20.58 0.93 2.78
C ASP A 162 20.41 -0.59 2.60
N ALA A 163 19.27 -1.10 3.03
CA ALA A 163 18.94 -2.50 2.84
C ALA A 163 18.61 -2.85 1.36
N ASP A 164 18.05 -1.88 0.63
CA ASP A 164 17.90 -2.01 -0.82
C ASP A 164 17.86 -0.64 -1.47
N PRO A 165 19.02 -0.17 -1.95
CA PRO A 165 19.12 1.16 -2.58
C PRO A 165 18.20 1.36 -3.79
N SER A 166 17.69 0.28 -4.37
CA SER A 166 16.90 0.39 -5.60
C SER A 166 15.39 0.40 -5.36
N ALA A 167 14.97 0.11 -4.13
CA ALA A 167 13.55 0.07 -3.81
C ALA A 167 12.97 1.48 -3.70
N ARG A 168 11.74 1.65 -4.18
CA ARG A 168 10.99 2.89 -3.97
C ARG A 168 10.36 2.82 -2.59
N LEU A 169 10.70 3.78 -1.73
CA LEU A 169 10.24 3.76 -0.36
C LEU A 169 9.05 4.68 -0.16
N TYR A 170 7.93 4.10 0.27
CA TYR A 170 6.66 4.82 0.42
C TYR A 170 6.29 5.02 1.88
N ILE A 171 5.61 6.14 2.12
CA ILE A 171 4.78 6.29 3.31
C ILE A 171 3.32 6.09 2.87
N ASN A 172 2.57 5.28 3.62
CA ASN A 172 1.22 4.89 3.22
C ASN A 172 0.21 5.35 4.27
N ASP A 173 -0.96 5.83 3.84
CA ASP A 173 -2.01 6.18 4.80
C ASP A 173 -3.40 6.16 4.17
N TYR A 174 -4.43 6.14 5.03
CA TYR A 174 -5.82 6.24 4.56
C TYR A 174 -6.37 7.62 4.88
N ASN A 175 -7.54 7.90 4.32
CA ASN A 175 -8.16 9.23 4.38
C ASN A 175 -7.26 10.32 3.80
N LEU A 176 -6.58 9.99 2.71
CA LEU A 176 -5.91 11.00 1.89
C LEU A 176 -6.78 11.23 0.65
N ASP A 177 -8.08 11.45 0.89
CA ASP A 177 -9.09 11.34 -0.15
C ASP A 177 -9.76 12.65 -0.54
N ARG A 178 -9.38 13.74 0.11
CA ARG A 178 -9.98 15.04 -0.16
C ARG A 178 -8.89 16.11 -0.02
N ALA A 179 -8.77 16.98 -1.01
CA ALA A 179 -7.78 18.05 -0.92
C ALA A 179 -8.07 18.91 0.30
N ASN A 180 -7.02 19.39 0.95
CA ASN A 180 -7.12 20.27 2.13
C ASN A 180 -7.65 19.60 3.39
N TYR A 181 -7.87 18.30 3.35
CA TYR A 181 -8.24 17.56 4.55
C TYR A 181 -7.05 17.64 5.50
N GLY A 182 -7.32 17.75 6.80
CA GLY A 182 -6.26 17.91 7.79
C GLY A 182 -5.10 16.92 7.68
N LYS A 183 -5.43 15.65 7.43
CA LYS A 183 -4.41 14.60 7.37
C LYS A 183 -3.52 14.78 6.15
N VAL A 184 -4.13 15.16 5.03
CA VAL A 184 -3.39 15.42 3.81
C VAL A 184 -2.41 16.57 4.02
N ASN A 185 -2.90 17.66 4.62
CA ASN A 185 -2.07 18.84 4.88
C ASN A 185 -0.89 18.51 5.79
N GLY A 186 -1.18 17.77 6.86
CA GLY A 186 -0.17 17.34 7.81
C GLY A 186 0.87 16.43 7.17
N LEU A 187 0.40 15.48 6.38
CA LEU A 187 1.31 14.57 5.71
C LEU A 187 2.21 15.34 4.74
N LYS A 188 1.63 16.27 3.99
CA LYS A 188 2.40 17.04 3.02
C LYS A 188 3.49 17.82 3.74
N THR A 189 3.12 18.45 4.85
CA THR A 189 4.06 19.24 5.65
C THR A 189 5.20 18.40 6.20
N TYR A 190 4.88 17.30 6.86
CA TYR A 190 5.92 16.45 7.44
C TYR A 190 6.78 15.73 6.39
N VAL A 191 6.17 15.15 5.37
CA VAL A 191 6.96 14.44 4.36
C VAL A 191 7.89 15.41 3.63
N SER A 192 7.42 16.63 3.35
CA SER A 192 8.26 17.64 2.73
C SER A 192 9.45 17.98 3.60
N LYS A 193 9.20 18.17 4.90
CA LYS A 193 10.30 18.46 5.82
C LYS A 193 11.31 17.31 5.88
N TRP A 194 10.80 16.09 6.04
CA TRP A 194 11.67 14.91 6.11
C TRP A 194 12.52 14.76 4.85
N ILE A 195 11.89 14.91 3.69
CA ILE A 195 12.64 14.91 2.43
C ILE A 195 13.74 15.98 2.41
N SER A 196 13.41 17.17 2.89
CA SER A 196 14.39 18.26 2.89
C SER A 196 15.56 17.93 3.82
N GLN A 197 15.31 17.13 4.85
CA GLN A 197 16.36 16.70 5.78
C GLN A 197 17.14 15.48 5.29
N GLY A 198 16.80 14.97 4.11
CA GLY A 198 17.52 13.86 3.52
C GLY A 198 16.92 12.48 3.76
N VAL A 199 15.74 12.44 4.39
CA VAL A 199 15.06 11.18 4.59
C VAL A 199 14.60 10.68 3.22
N PRO A 200 14.96 9.42 2.87
CA PRO A 200 14.67 8.93 1.53
C PRO A 200 13.24 8.45 1.32
N ILE A 201 12.30 9.38 1.26
CA ILE A 201 10.91 9.03 0.96
C ILE A 201 10.62 9.27 -0.52
N ASP A 202 10.39 8.18 -1.26
CA ASP A 202 10.21 8.24 -2.71
C ASP A 202 8.76 8.34 -3.13
N GLY A 203 7.85 7.85 -2.29
CA GLY A 203 6.46 7.76 -2.69
C GLY A 203 5.48 8.00 -1.57
N ILE A 204 4.28 8.42 -1.95
CA ILE A 204 3.16 8.48 -1.01
C ILE A 204 2.06 7.53 -1.51
N GLY A 205 1.61 6.66 -0.62
CA GLY A 205 0.53 5.75 -0.93
C GLY A 205 -0.77 6.25 -0.32
N SER A 206 -1.80 6.35 -1.15
CA SER A 206 -3.13 6.73 -0.67
C SER A 206 -3.98 5.47 -0.69
N GLN A 207 -4.36 4.99 0.49
CA GLN A 207 -5.06 3.71 0.59
C GLN A 207 -6.39 3.71 -0.17
N SER A 208 -7.14 4.79 -0.03
CA SER A 208 -8.41 4.99 -0.73
C SER A 208 -9.45 3.93 -0.35
N HIS A 209 -9.70 3.80 0.94
CA HIS A 209 -10.84 3.02 1.42
C HIS A 209 -12.05 3.95 1.46
N LEU A 210 -12.84 3.93 0.38
CA LEU A 210 -13.86 4.93 0.14
C LEU A 210 -15.30 4.45 0.41
N SER A 211 -16.18 5.40 0.72
CA SER A 211 -17.60 5.14 0.78
C SER A 211 -18.19 5.68 -0.51
N GLY A 212 -19.48 5.46 -0.73
CA GLY A 212 -20.13 5.95 -1.94
C GLY A 212 -19.98 7.45 -2.05
N GLY A 213 -19.57 7.91 -3.22
CA GLY A 213 -19.39 9.34 -3.46
C GLY A 213 -17.95 9.79 -3.23
N GLY A 214 -17.15 8.92 -2.63
CA GLY A 214 -15.79 9.28 -2.25
C GLY A 214 -14.86 9.51 -3.40
N GLY A 215 -15.20 8.97 -4.56
CA GLY A 215 -14.37 9.13 -5.75
C GLY A 215 -14.24 10.57 -6.22
N SER A 216 -15.21 11.40 -5.86
CA SER A 216 -15.18 12.79 -6.32
C SER A 216 -14.03 13.61 -5.70
N GLY A 217 -13.43 13.12 -4.61
CA GLY A 217 -12.36 13.86 -3.96
C GLY A 217 -10.97 13.41 -4.36
N THR A 218 -10.88 12.25 -5.00
CA THR A 218 -9.59 11.63 -5.25
C THR A 218 -8.67 12.49 -6.12
N LEU A 219 -9.22 13.11 -7.16
CA LEU A 219 -8.41 13.94 -8.05
C LEU A 219 -7.70 15.08 -7.31
N GLY A 220 -8.45 15.86 -6.56
CA GLY A 220 -7.88 16.99 -5.85
C GLY A 220 -6.86 16.56 -4.82
N ALA A 221 -7.13 15.44 -4.16
CA ALA A 221 -6.22 14.90 -3.16
C ALA A 221 -4.89 14.47 -3.78
N LEU A 222 -4.95 13.74 -4.88
CA LEU A 222 -3.71 13.33 -5.57
C LEU A 222 -2.95 14.53 -6.14
N GLN A 223 -3.67 15.52 -6.67
CA GLN A 223 -2.99 16.70 -7.19
C GLN A 223 -2.23 17.43 -6.09
N GLN A 224 -2.82 17.50 -4.90
CA GLN A 224 -2.13 18.12 -3.77
C GLN A 224 -0.94 17.28 -3.32
N LEU A 225 -1.12 15.97 -3.23
CA LEU A 225 -0.02 15.09 -2.83
C LEU A 225 1.14 15.17 -3.83
N ALA A 226 0.80 15.31 -5.10
CA ALA A 226 1.81 15.41 -6.16
C ALA A 226 2.75 16.61 -5.98
N THR A 227 2.31 17.64 -5.25
CA THR A 227 3.17 18.80 -5.03
C THR A 227 4.30 18.51 -4.05
N VAL A 228 4.21 17.37 -3.35
CA VAL A 228 5.28 16.97 -2.42
C VAL A 228 6.44 16.43 -3.25
N PRO A 229 7.69 16.78 -2.89
CA PRO A 229 8.80 16.32 -3.72
C PRO A 229 9.10 14.81 -3.63
N VAL A 230 8.07 13.98 -3.54
CA VAL A 230 8.25 12.55 -3.79
C VAL A 230 8.34 12.33 -5.29
N THR A 231 8.81 11.16 -5.71
CA THR A 231 8.86 10.82 -7.12
C THR A 231 7.53 10.20 -7.56
N GLU A 232 6.91 9.41 -6.67
CA GLU A 232 5.74 8.60 -7.04
C GLU A 232 4.57 8.76 -6.09
N LEU A 233 3.36 8.60 -6.63
CA LEU A 233 2.17 8.37 -5.82
C LEU A 233 1.59 7.03 -6.26
N ALA A 234 0.78 6.43 -5.40
CA ALA A 234 -0.01 5.27 -5.82
C ALA A 234 -1.29 5.18 -5.00
N ILE A 235 -2.35 4.64 -5.62
CA ILE A 235 -3.54 4.23 -4.91
C ILE A 235 -3.26 2.80 -4.47
N THR A 236 -3.22 2.56 -3.17
CA THR A 236 -2.61 1.33 -2.67
C THR A 236 -3.54 0.25 -2.12
N GLU A 237 -4.73 0.62 -1.68
CA GLU A 237 -5.63 -0.35 -1.04
C GLU A 237 -7.08 -0.09 -1.43
N LEU A 238 -7.30 0.18 -2.71
CA LEU A 238 -8.59 0.68 -3.15
C LEU A 238 -9.74 -0.28 -2.91
N ASP A 239 -10.78 0.23 -2.26
CA ASP A 239 -12.07 -0.42 -2.27
C ASP A 239 -13.12 0.64 -1.98
N ILE A 240 -14.34 0.41 -2.45
CA ILE A 240 -15.38 1.42 -2.35
C ILE A 240 -16.71 0.74 -2.07
N GLN A 241 -17.33 1.14 -0.95
CA GLN A 241 -18.62 0.61 -0.53
C GLN A 241 -19.64 0.57 -1.67
N GLY A 242 -20.16 -0.62 -1.93
CA GLY A 242 -21.17 -0.83 -2.97
C GLY A 242 -20.61 -0.87 -4.38
N ALA A 243 -19.29 -0.68 -4.49
CA ALA A 243 -18.58 -0.63 -5.77
C ALA A 243 -19.31 0.14 -6.88
N PRO A 244 -19.64 1.41 -6.62
CA PRO A 244 -20.38 2.18 -7.61
C PRO A 244 -19.51 2.43 -8.82
N THR A 245 -20.09 2.37 -10.01
CA THR A 245 -19.29 2.49 -11.22
C THR A 245 -18.71 3.91 -11.30
N THR A 246 -19.50 4.90 -10.91
CA THR A 246 -19.05 6.29 -10.96
C THR A 246 -17.81 6.53 -10.11
N ASP A 247 -17.84 6.05 -8.86
CA ASP A 247 -16.71 6.25 -7.96
C ASP A 247 -15.48 5.50 -8.45
N TYR A 248 -15.66 4.25 -8.88
CA TYR A 248 -14.52 3.49 -9.39
C TYR A 248 -13.88 4.15 -10.61
N THR A 249 -14.68 4.59 -11.58
CA THR A 249 -14.10 5.25 -12.75
C THR A 249 -13.43 6.57 -12.39
N GLN A 250 -14.02 7.34 -11.47
CA GLN A 250 -13.41 8.59 -11.03
C GLN A 250 -12.03 8.38 -10.40
N VAL A 251 -11.89 7.34 -9.58
CA VAL A 251 -10.57 7.05 -8.99
C VAL A 251 -9.54 6.74 -10.09
N VAL A 252 -9.92 5.88 -11.03
CA VAL A 252 -9.01 5.55 -12.13
C VAL A 252 -8.66 6.80 -12.98
N GLN A 253 -9.66 7.63 -13.28
CA GLN A 253 -9.42 8.86 -14.04
C GLN A 253 -8.50 9.82 -13.28
N ALA A 254 -8.62 9.82 -11.95
CA ALA A 254 -7.76 10.65 -11.10
C ALA A 254 -6.31 10.22 -11.26
N CYS A 255 -6.06 8.93 -11.15
CA CYS A 255 -4.70 8.44 -11.32
CA CYS A 255 -4.73 8.37 -11.35
C CYS A 255 -4.17 8.78 -12.71
N LEU A 256 -5.02 8.62 -13.73
CA LEU A 256 -4.63 8.96 -15.11
C LEU A 256 -4.38 10.46 -15.26
N SER A 257 -4.91 11.24 -14.33
CA SER A 257 -4.81 12.70 -14.39
C SER A 257 -3.53 13.24 -13.76
N VAL A 258 -2.84 12.40 -12.99
CA VAL A 258 -1.67 12.84 -12.23
C VAL A 258 -0.45 12.02 -12.64
N SER A 259 0.55 12.69 -13.24
CA SER A 259 1.76 12.01 -13.73
C SER A 259 2.46 11.16 -12.67
N LYS A 260 2.53 11.66 -11.44
CA LYS A 260 3.26 10.94 -10.40
C LYS A 260 2.60 9.63 -9.99
N CYS A 261 1.29 9.50 -10.19
CA CYS A 261 0.60 8.27 -9.82
CA CYS A 261 0.60 8.27 -9.82
C CYS A 261 1.00 7.14 -10.76
N VAL A 262 1.66 6.11 -10.22
CA VAL A 262 2.18 5.04 -11.07
C VAL A 262 1.21 3.87 -11.25
N GLY A 263 0.21 3.77 -10.38
CA GLY A 263 -0.72 2.67 -10.51
C GLY A 263 -1.74 2.54 -9.39
N ILE A 264 -2.56 1.50 -9.50
CA ILE A 264 -3.62 1.25 -8.55
C ILE A 264 -3.60 -0.20 -8.09
N THR A 265 -3.75 -0.38 -6.78
CA THR A 265 -3.94 -1.68 -6.18
C THR A 265 -5.30 -1.68 -5.50
N VAL A 266 -6.16 -2.64 -5.85
CA VAL A 266 -7.40 -2.83 -5.07
C VAL A 266 -7.14 -3.77 -3.91
N TRP A 267 -7.89 -3.63 -2.83
CA TRP A 267 -7.58 -4.44 -1.66
C TRP A 267 -8.32 -5.79 -1.69
N GLY A 268 -7.98 -6.60 -2.70
CA GLY A 268 -8.52 -7.94 -2.83
C GLY A 268 -9.22 -8.09 -4.18
N ILE A 269 -9.55 -9.33 -4.53
CA ILE A 269 -10.18 -9.61 -5.81
C ILE A 269 -11.70 -9.76 -5.65
N SER A 270 -12.13 -10.83 -4.99
CA SER A 270 -13.56 -11.08 -4.82
C SER A 270 -14.14 -10.42 -3.56
N ASP A 271 -15.32 -9.81 -3.68
CA ASP A 271 -16.07 -9.29 -2.53
C ASP A 271 -16.03 -10.24 -1.33
N LYS A 272 -16.12 -11.54 -1.60
CA LYS A 272 -16.20 -12.57 -0.56
C LYS A 272 -14.99 -12.55 0.37
N ASP A 273 -13.86 -12.12 -0.17
CA ASP A 273 -12.60 -12.12 0.56
C ASP A 273 -12.19 -10.74 1.06
N SER A 274 -13.04 -9.74 0.84
CA SER A 274 -12.74 -8.40 1.31
C SER A 274 -12.71 -8.32 2.83
N TRP A 275 -11.82 -7.49 3.36
CA TRP A 275 -11.83 -7.18 4.78
C TRP A 275 -13.07 -6.36 5.17
N ARG A 276 -13.74 -5.76 4.17
CA ARG A 276 -15.01 -5.07 4.38
C ARG A 276 -16.11 -5.80 3.62
N ALA A 277 -16.23 -7.12 3.80
CA ALA A 277 -17.08 -7.94 2.95
C ALA A 277 -18.56 -7.51 2.87
N SER A 278 -19.10 -6.96 3.96
CA SER A 278 -20.53 -6.61 4.03
C SER A 278 -20.90 -5.46 3.11
N THR A 279 -19.88 -4.80 2.55
CA THR A 279 -20.12 -3.64 1.71
C THR A 279 -19.88 -3.90 0.21
N ASN A 280 -19.64 -5.17 -0.16
CA ASN A 280 -19.37 -5.57 -1.54
C ASN A 280 -18.50 -4.54 -2.30
N PRO A 281 -17.28 -4.30 -1.81
CA PRO A 281 -16.62 -3.08 -2.28
C PRO A 281 -15.55 -3.31 -3.35
N LEU A 282 -15.50 -4.50 -3.93
CA LEU A 282 -14.41 -4.83 -4.86
C LEU A 282 -14.89 -4.97 -6.30
N LEU A 283 -14.00 -5.45 -7.16
CA LEU A 283 -14.27 -5.45 -8.60
C LEU A 283 -14.79 -6.78 -9.14
N PHE A 284 -14.71 -7.82 -8.32
CA PHE A 284 -15.25 -9.12 -8.67
C PHE A 284 -16.24 -9.59 -7.60
N ASP A 285 -17.34 -10.22 -8.02
CA ASP A 285 -18.33 -10.71 -7.07
C ASP A 285 -17.89 -12.03 -6.42
N ALA A 286 -18.79 -12.64 -5.63
CA ALA A 286 -18.46 -13.87 -4.91
C ALA A 286 -18.22 -15.06 -5.85
N ASN A 287 -18.74 -14.96 -7.07
CA ASN A 287 -18.52 -16.00 -8.07
C ASN A 287 -17.29 -15.78 -8.92
N PHE A 288 -16.54 -14.74 -8.58
CA PHE A 288 -15.35 -14.31 -9.33
C PHE A 288 -15.64 -13.83 -10.76
N ASN A 289 -16.84 -13.31 -10.96
CA ASN A 289 -17.16 -12.65 -12.21
C ASN A 289 -16.97 -11.15 -12.05
N PRO A 290 -16.42 -10.50 -13.09
CA PRO A 290 -16.19 -9.05 -13.04
C PRO A 290 -17.51 -8.34 -12.79
N LYS A 291 -17.48 -7.29 -11.96
CA LYS A 291 -18.68 -6.53 -11.65
C LYS A 291 -18.75 -5.33 -12.59
N PRO A 292 -19.90 -4.62 -12.62
CA PRO A 292 -19.98 -3.44 -13.48
C PRO A 292 -18.85 -2.43 -13.27
N ALA A 293 -18.31 -2.32 -12.05
CA ALA A 293 -17.19 -1.42 -11.82
C ALA A 293 -15.94 -1.81 -12.61
N TYR A 294 -15.65 -3.11 -12.65
CA TYR A 294 -14.55 -3.60 -13.46
C TYR A 294 -14.77 -3.25 -14.92
N ASN A 295 -15.95 -3.61 -15.43
CA ASN A 295 -16.27 -3.37 -16.84
C ASN A 295 -16.25 -1.88 -17.20
N SER A 296 -16.71 -1.04 -16.28
CA SER A 296 -16.72 0.40 -16.52
C SER A 296 -15.29 0.91 -16.64
N ILE A 297 -14.40 0.36 -15.82
CA ILE A 297 -12.99 0.73 -15.89
C ILE A 297 -12.41 0.28 -17.23
N VAL A 298 -12.74 -0.94 -17.65
CA VAL A 298 -12.36 -1.39 -19.00
C VAL A 298 -12.81 -0.38 -20.06
N GLY A 299 -14.06 0.07 -19.95
CA GLY A 299 -14.64 0.96 -20.94
C GLY A 299 -13.89 2.27 -21.10
N ILE A 300 -13.44 2.86 -19.99
CA ILE A 300 -12.77 4.14 -20.07
C ILE A 300 -11.27 4.03 -20.35
N LEU A 301 -10.72 2.83 -20.18
CA LEU A 301 -9.31 2.61 -20.49
C LEU A 301 -9.16 2.18 -21.94
N GLN A 302 -10.29 1.99 -22.61
CA GLN A 302 -10.32 1.40 -23.93
C GLN A 302 -9.74 2.33 -24.99
#